data_2XYI
#
_entry.id   2XYI
#
_cell.length_a   61.510
_cell.length_b   59.210
_cell.length_c   65.890
_cell.angle_alpha   90.00
_cell.angle_beta   99.83
_cell.angle_gamma   90.00
#
_symmetry.space_group_name_H-M   'P 1 21 1'
#
loop_
_entity.id
_entity.type
_entity.pdbx_description
1 polymer 'PROBABLE HISTONE-BINDING PROTEIN CAF1'
2 polymer 'HISTONE H4'
3 non-polymer 'TETRAETHYLENE GLYCOL'
4 non-polymer DI(HYDROXYETHYL)ETHER
5 water water
#
loop_
_entity_poly.entity_id
_entity_poly.type
_entity_poly.pdbx_seq_one_letter_code
_entity_poly.pdbx_strand_id
1 'polypeptide(L)'
;MVDRSDNAAESFDDAVEERVINEEYKIWKKNTPFLYDLVMTHALEWPSLTAQWLPDVTKQDGKDYSVHRLILGTHTSDEQ
NHLLIASVQLPSEDAQFDGSHYDNEKGEFGGFGSVCGKIEIEIKINHEGEVNRARYMPQNACVIATKTPSSDVLVFDYTK
HPSKPEPSGECQPDLRLRGHQKEGYGLSWNPNLNGYLLSASDDHTICLWDINATPKEHRVIDAKNIFTGHTAVVEDVAWH
LLHESLFGSVADDQKLMIWDTRNNNTSKPSHTVDAHTAEVNCLSFNPYSEFILATGSADKTVALWDLRNLKLKLHSFESH
KDEIFQVQWSPHNETILASSGTDRRLHVWDLSKIGEEQSTEDAEDGPPELLFIHGGHTAKISDFSWNPNEPWIICSVSED
NIMQVWQMAENVYNDEEPEIPASELETNTA
;
A
2 'polypeptide(L)' IQGITKPAIRRLARRGGVKR B
#
loop_
_chem_comp.id
_chem_comp.type
_chem_comp.name
_chem_comp.formula
PEG non-polymer DI(HYDROXYETHYL)ETHER 'C4 H10 O3'
PG4 non-polymer 'TETRAETHYLENE GLYCOL' 'C8 H18 O5'
#
# COMPACT_ATOMS: atom_id res chain seq x y z
N SER A 11 -22.29 0.34 22.12
CA SER A 11 -21.59 0.44 23.40
C SER A 11 -21.32 -0.95 23.96
N PHE A 12 -22.38 -1.64 24.34
CA PHE A 12 -22.27 -3.05 24.70
C PHE A 12 -21.68 -3.80 23.51
N ASP A 13 -22.22 -3.54 22.32
CA ASP A 13 -21.75 -4.18 21.10
C ASP A 13 -20.30 -3.87 20.79
N ASP A 14 -19.88 -2.65 21.08
CA ASP A 14 -18.49 -2.24 20.87
C ASP A 14 -17.59 -3.00 21.83
N ALA A 15 -18.06 -3.16 23.06
CA ALA A 15 -17.31 -3.87 24.07
C ALA A 15 -17.09 -5.32 23.68
N VAL A 16 -18.12 -5.94 23.11
CA VAL A 16 -18.02 -7.34 22.71
C VAL A 16 -17.00 -7.52 21.58
N GLU A 17 -17.05 -6.64 20.60
CA GLU A 17 -16.11 -6.70 19.49
C GLU A 17 -14.68 -6.55 19.98
N GLU A 18 -14.49 -5.59 20.89
CA GLU A 18 -13.19 -5.34 21.50
C GLU A 18 -12.66 -6.58 22.23
N ARG A 19 -13.54 -7.28 22.94
CA ARG A 19 -13.13 -8.52 23.62
C ARG A 19 -12.77 -9.61 22.61
N VAL A 20 -13.56 -9.72 21.54
CA VAL A 20 -13.28 -10.75 20.54
C VAL A 20 -11.91 -10.50 19.93
N ILE A 21 -11.67 -9.24 19.58
CA ILE A 21 -10.40 -8.87 18.96
C ILE A 21 -9.23 -9.20 19.87
N ASN A 22 -9.34 -8.83 21.14
N ASN A 22 -9.34 -8.84 21.14
CA ASN A 22 -8.26 -9.08 22.10
CA ASN A 22 -8.25 -9.07 22.09
C ASN A 22 -8.04 -10.56 22.33
C ASN A 22 -8.03 -10.55 22.39
N GLU A 23 -9.11 -11.32 22.48
CA GLU A 23 -8.99 -12.75 22.71
C GLU A 23 -8.34 -13.45 21.51
N GLU A 24 -8.71 -13.01 20.32
CA GLU A 24 -8.13 -13.57 19.09
C GLU A 24 -6.63 -13.26 18.99
N TYR A 25 -6.25 -12.06 19.41
CA TYR A 25 -4.85 -11.65 19.39
C TYR A 25 -4.02 -12.51 20.35
N LYS A 26 -4.59 -12.80 21.52
CA LYS A 26 -3.90 -13.66 22.48
C LYS A 26 -3.65 -15.04 21.88
N ILE A 27 -4.64 -15.57 21.17
CA ILE A 27 -4.47 -16.88 20.54
C ILE A 27 -3.48 -16.80 19.38
N TRP A 28 -3.59 -15.73 18.59
CA TRP A 28 -2.65 -15.51 17.48
C TRP A 28 -1.22 -15.54 18.01
N LYS A 29 -0.99 -14.82 19.10
CA LYS A 29 0.35 -14.67 19.66
C LYS A 29 0.94 -16.05 20.00
N LYS A 30 0.16 -16.89 20.66
CA LYS A 30 0.70 -18.19 21.07
C LYS A 30 0.97 -19.11 19.88
N ASN A 31 0.30 -18.84 18.76
CA ASN A 31 0.44 -19.69 17.58
C ASN A 31 1.47 -19.20 16.54
N THR A 32 2.10 -18.06 16.80
CA THR A 32 3.06 -17.49 15.84
C THR A 32 4.18 -18.42 15.35
N PRO A 33 4.70 -19.30 16.23
CA PRO A 33 5.78 -20.14 15.72
C PRO A 33 5.35 -21.04 14.57
N PHE A 34 4.08 -21.43 14.55
CA PHE A 34 3.58 -22.31 13.49
C PHE A 34 3.46 -21.58 12.17
N LEU A 35 3.19 -20.28 12.24
CA LEU A 35 2.80 -19.52 11.05
C LEU A 35 3.87 -18.60 10.49
N TYR A 36 4.85 -18.24 11.33
CA TYR A 36 5.87 -17.27 10.93
C TYR A 36 7.28 -17.79 11.11
N ASP A 37 8.19 -17.25 10.31
CA ASP A 37 9.62 -17.45 10.56
C ASP A 37 10.16 -16.22 11.28
N LEU A 38 9.40 -15.14 11.24
CA LEU A 38 9.85 -13.88 11.82
C LEU A 38 8.66 -13.00 12.15
N VAL A 39 8.64 -12.43 13.35
CA VAL A 39 7.65 -11.42 13.70
C VAL A 39 8.33 -10.40 14.61
N MET A 40 8.44 -9.17 14.14
CA MET A 40 9.01 -8.09 14.93
C MET A 40 7.93 -7.03 15.08
N THR A 41 7.59 -6.70 16.32
CA THR A 41 6.56 -5.70 16.59
C THR A 41 7.20 -4.48 17.23
N HIS A 42 6.82 -3.31 16.76
CA HIS A 42 7.43 -2.07 17.22
C HIS A 42 6.38 -0.98 17.34
N ALA A 43 6.30 -0.34 18.51
CA ALA A 43 5.36 0.76 18.68
C ALA A 43 6.05 2.08 18.31
N LEU A 44 5.58 2.72 17.27
CA LEU A 44 6.08 4.04 16.87
C LEU A 44 5.56 5.13 17.79
N GLU A 45 6.31 6.23 17.88
CA GLU A 45 5.89 7.37 18.67
C GLU A 45 4.53 7.87 18.22
N TRP A 46 4.36 7.97 16.90
CA TRP A 46 3.09 8.35 16.30
C TRP A 46 2.69 7.28 15.29
N PRO A 47 1.38 7.11 15.04
CA PRO A 47 0.98 6.16 14.00
C PRO A 47 1.52 6.60 12.64
N SER A 48 1.80 5.64 11.77
CA SER A 48 2.17 5.95 10.39
C SER A 48 1.03 5.57 9.46
N LEU A 49 0.72 6.45 8.51
CA LEU A 49 -0.32 6.19 7.52
C LEU A 49 0.28 5.51 6.29
N THR A 50 1.60 5.38 6.27
CA THR A 50 2.30 4.94 5.07
C THR A 50 3.46 4.00 5.40
N ALA A 51 3.76 3.10 4.48
CA ALA A 51 4.93 2.24 4.63
C ALA A 51 5.40 1.80 3.25
N GLN A 52 6.70 1.90 3.00
CA GLN A 52 7.28 1.37 1.76
C GLN A 52 8.74 1.06 1.98
N TRP A 53 9.14 -0.17 1.68
CA TRP A 53 10.55 -0.54 1.77
C TRP A 53 11.32 0.20 0.69
N LEU A 54 12.49 0.71 1.06
CA LEU A 54 13.42 1.20 0.04
C LEU A 54 14.11 0.00 -0.60
N PRO A 55 14.64 0.17 -1.82
CA PRO A 55 15.09 -0.99 -2.59
C PRO A 55 16.44 -1.56 -2.19
N ASP A 56 17.25 -0.79 -1.47
CA ASP A 56 18.62 -1.20 -1.21
C ASP A 56 18.79 -1.86 0.16
N VAL A 57 19.65 -2.86 0.22
CA VAL A 57 19.97 -3.53 1.47
C VAL A 57 21.47 -3.44 1.75
N THR A 58 21.83 -3.25 3.00
CA THR A 58 23.22 -3.17 3.41
C THR A 58 23.59 -4.35 4.30
N LYS A 59 24.52 -5.18 3.85
CA LYS A 59 24.99 -6.28 4.68
C LYS A 59 26.33 -5.94 5.31
N GLN A 60 26.39 -6.02 6.63
CA GLN A 60 27.59 -5.66 7.37
C GLN A 60 28.60 -6.80 7.37
N ASP A 61 29.87 -6.46 7.23
CA ASP A 61 30.95 -7.44 7.23
C ASP A 61 30.87 -8.31 8.48
N GLY A 62 30.84 -9.62 8.28
CA GLY A 62 30.86 -10.57 9.38
C GLY A 62 29.75 -10.40 10.40
N LYS A 63 28.56 -10.06 9.94
CA LYS A 63 27.39 -9.98 10.81
C LYS A 63 26.32 -10.94 10.31
N ASP A 64 25.42 -11.35 11.22
CA ASP A 64 24.40 -12.34 10.88
C ASP A 64 23.08 -11.69 10.50
N TYR A 65 23.13 -10.42 10.12
CA TYR A 65 21.93 -9.70 9.71
C TYR A 65 22.26 -8.71 8.61
N SER A 66 21.26 -8.32 7.85
CA SER A 66 21.41 -7.24 6.88
C SER A 66 20.52 -6.07 7.31
N VAL A 67 20.80 -4.89 6.80
CA VAL A 67 20.02 -3.71 7.15
C VAL A 67 19.13 -3.31 6.00
N HIS A 68 17.83 -3.28 6.24
CA HIS A 68 16.85 -2.85 5.24
C HIS A 68 16.29 -1.52 5.72
N ARG A 69 15.70 -0.74 4.82
CA ARG A 69 15.17 0.57 5.19
CA ARG A 69 15.15 0.55 5.21
C ARG A 69 13.73 0.75 4.74
N LEU A 70 12.96 1.51 5.53
CA LEU A 70 11.56 1.76 5.25
C LEU A 70 11.29 3.25 5.25
N ILE A 71 10.43 3.69 4.35
CA ILE A 71 9.88 5.04 4.43
C ILE A 71 8.59 4.98 5.25
N LEU A 72 8.52 5.79 6.31
CA LEU A 72 7.33 5.86 7.14
C LEU A 72 6.95 7.33 7.31
N GLY A 73 5.81 7.57 7.93
CA GLY A 73 5.41 8.93 8.23
C GLY A 73 4.84 9.02 9.63
N THR A 74 4.51 10.23 10.06
CA THR A 74 3.79 10.41 11.32
C THR A 74 2.37 10.85 11.06
N HIS A 75 1.53 10.66 12.07
CA HIS A 75 0.21 11.24 12.08
C HIS A 75 -0.03 11.72 13.52
N THR A 76 0.04 13.03 13.72
CA THR A 76 -0.07 13.58 15.07
C THR A 76 -1.40 14.27 15.31
N SER A 77 -1.69 14.57 16.57
CA SER A 77 -2.87 15.35 16.91
C SER A 77 -2.57 16.83 16.72
N ASP A 78 -1.85 17.40 17.67
CA ASP A 78 -1.40 18.78 17.56
C ASP A 78 0.10 18.86 17.81
N GLU A 79 0.87 18.16 16.99
CA GLU A 79 2.31 18.11 17.14
C GLU A 79 2.95 18.13 15.75
N GLN A 80 4.23 18.44 15.68
CA GLN A 80 4.93 18.52 14.40
C GLN A 80 4.99 17.13 13.76
N ASN A 81 4.72 17.06 12.45
CA ASN A 81 4.84 15.80 11.71
C ASN A 81 6.20 15.67 11.01
N HIS A 82 6.57 14.43 10.70
CA HIS A 82 7.83 14.17 10.02
C HIS A 82 7.70 13.07 8.98
N LEU A 83 8.50 13.17 7.93
CA LEU A 83 8.71 12.06 7.03
C LEU A 83 9.90 11.30 7.59
N LEU A 84 9.80 9.98 7.64
CA LEU A 84 10.78 9.18 8.36
C LEU A 84 11.42 8.12 7.48
N ILE A 85 12.71 7.91 7.67
N ILE A 85 12.71 7.89 7.70
CA ILE A 85 13.40 6.74 7.14
CA ILE A 85 13.37 6.72 7.14
C ILE A 85 13.84 5.89 8.33
C ILE A 85 13.90 5.87 8.28
N ALA A 86 13.41 4.64 8.36
CA ALA A 86 13.76 3.74 9.46
C ALA A 86 14.62 2.61 8.93
N SER A 87 15.56 2.14 9.75
CA SER A 87 16.37 0.98 9.40
C SER A 87 15.85 -0.23 10.15
N VAL A 88 15.97 -1.39 9.51
CA VAL A 88 15.46 -2.64 10.07
C VAL A 88 16.52 -3.70 9.89
N GLN A 89 16.95 -4.32 10.99
CA GLN A 89 17.88 -5.43 10.90
C GLN A 89 17.11 -6.72 10.74
N LEU A 90 17.45 -7.46 9.68
CA LEU A 90 16.79 -8.72 9.36
C LEU A 90 17.81 -9.85 9.25
N PRO A 91 17.44 -11.04 9.71
CA PRO A 91 18.28 -12.23 9.58
C PRO A 91 18.66 -12.48 8.12
N LYS A 118 16.68 -5.02 15.14
CA LYS A 118 16.21 -3.81 15.80
C LYS A 118 15.72 -2.77 14.78
N ILE A 119 14.86 -1.87 15.24
CA ILE A 119 14.28 -0.84 14.37
C ILE A 119 14.64 0.53 14.88
N GLU A 120 15.26 1.34 14.02
CA GLU A 120 15.74 2.65 14.42
C GLU A 120 15.38 3.71 13.39
N ILE A 121 14.92 4.88 13.86
CA ILE A 121 14.67 6.00 12.96
C ILE A 121 16.01 6.66 12.60
N GLU A 122 16.35 6.64 11.32
CA GLU A 122 17.62 7.18 10.85
C GLU A 122 17.49 8.62 10.41
N ILE A 123 16.43 8.90 9.67
CA ILE A 123 16.23 10.22 9.10
C ILE A 123 14.83 10.71 9.45
N LYS A 124 14.77 11.96 9.87
CA LYS A 124 13.51 12.58 10.29
C LYS A 124 13.45 13.97 9.66
N ILE A 125 12.48 14.18 8.78
CA ILE A 125 12.35 15.43 8.03
C ILE A 125 11.02 16.13 8.29
N ASN A 126 11.07 17.41 8.62
CA ASN A 126 9.85 18.17 8.87
C ASN A 126 8.86 18.06 7.73
N HIS A 127 7.61 17.75 8.07
CA HIS A 127 6.56 17.59 7.09
C HIS A 127 5.33 18.40 7.52
N GLU A 128 4.67 19.05 6.56
CA GLU A 128 3.51 19.86 6.89
C GLU A 128 2.25 19.01 6.97
N GLY A 129 1.80 18.73 8.19
CA GLY A 129 0.67 17.86 8.40
C GLY A 129 1.08 16.41 8.30
N GLU A 130 0.14 15.50 8.51
CA GLU A 130 0.45 14.09 8.47
C GLU A 130 0.86 13.65 7.06
N VAL A 131 1.65 12.58 6.99
CA VAL A 131 2.08 12.05 5.71
C VAL A 131 1.06 11.01 5.28
N ASN A 132 0.13 11.40 4.40
CA ASN A 132 -0.93 10.49 3.91
C ASN A 132 -0.36 9.29 3.16
N ARG A 133 0.68 9.54 2.38
CA ARG A 133 1.36 8.49 1.63
C ARG A 133 2.74 9.01 1.22
N ALA A 134 3.72 8.12 1.18
CA ALA A 134 5.05 8.51 0.75
C ALA A 134 5.64 7.39 -0.10
N ARG A 135 6.15 7.75 -1.26
CA ARG A 135 6.65 6.77 -2.22
C ARG A 135 7.94 7.24 -2.86
N TYR A 136 8.91 6.34 -3.01
CA TYR A 136 10.18 6.68 -3.65
C TYR A 136 10.13 6.54 -5.16
N MET A 137 10.92 7.36 -5.85
CA MET A 137 11.03 7.32 -7.30
C MET A 137 11.95 6.17 -7.72
N PRO A 138 11.43 5.25 -8.54
CA PRO A 138 12.18 4.04 -8.92
C PRO A 138 13.56 4.35 -9.51
N GLN A 139 13.65 5.42 -10.31
CA GLN A 139 14.88 5.75 -11.01
C GLN A 139 15.91 6.40 -10.09
N ASN A 140 15.44 6.88 -8.94
CA ASN A 140 16.33 7.44 -7.93
C ASN A 140 15.67 7.42 -6.56
N ALA A 141 15.93 6.35 -5.80
CA ALA A 141 15.22 6.08 -4.57
C ALA A 141 15.48 7.09 -3.45
N CYS A 142 16.35 8.07 -3.71
CA CYS A 142 16.56 9.17 -2.77
C CYS A 142 15.39 10.16 -2.83
N VAL A 143 14.68 10.15 -3.95
CA VAL A 143 13.59 11.09 -4.18
C VAL A 143 12.26 10.49 -3.71
N ILE A 144 11.57 11.19 -2.82
CA ILE A 144 10.31 10.71 -2.25
C ILE A 144 9.21 11.75 -2.40
N ALA A 145 8.07 11.33 -2.91
CA ALA A 145 6.91 12.21 -2.98
C ALA A 145 5.99 11.88 -1.81
N THR A 146 5.32 12.91 -1.30
CA THR A 146 4.36 12.71 -0.21
C THR A 146 3.05 13.39 -0.50
N LYS A 147 1.98 12.79 0.01
CA LYS A 147 0.67 13.40 0.01
C LYS A 147 0.45 13.99 1.39
N THR A 148 -0.14 15.18 1.41
CA THR A 148 -0.35 15.89 2.67
C THR A 148 -1.85 16.09 2.88
N PRO A 149 -2.24 16.59 4.07
CA PRO A 149 -3.67 16.86 4.31
C PRO A 149 -4.12 18.14 3.63
N SER A 150 -3.27 18.71 2.77
CA SER A 150 -3.63 19.90 2.03
C SER A 150 -3.59 19.57 0.54
N SER A 151 -3.73 20.60 -0.30
CA SER A 151 -3.76 20.41 -1.74
C SER A 151 -2.36 20.15 -2.32
N ASP A 152 -1.32 20.55 -1.59
CA ASP A 152 0.05 20.37 -2.08
C ASP A 152 0.52 18.91 -2.06
N VAL A 153 1.18 18.49 -3.14
CA VAL A 153 1.91 17.22 -3.14
C VAL A 153 3.39 17.59 -3.08
N LEU A 154 4.15 16.95 -2.19
CA LEU A 154 5.52 17.38 -1.93
C LEU A 154 6.58 16.40 -2.44
N VAL A 155 7.77 16.92 -2.75
CA VAL A 155 8.87 16.04 -3.09
C VAL A 155 10.08 16.36 -2.23
N PHE A 156 10.71 15.33 -1.68
CA PHE A 156 11.93 15.47 -0.91
C PHE A 156 13.03 14.58 -1.48
N ASP A 157 14.25 15.09 -1.57
CA ASP A 157 15.39 14.20 -1.73
C ASP A 157 15.98 14.06 -0.35
N TYR A 158 15.81 12.88 0.26
CA TYR A 158 16.14 12.77 1.68
C TYR A 158 17.63 12.88 1.98
N THR A 159 18.47 12.75 0.94
CA THR A 159 19.90 12.88 1.14
C THR A 159 20.32 14.34 1.13
N LYS A 160 19.37 15.23 0.84
CA LYS A 160 19.68 16.66 0.78
C LYS A 160 19.03 17.44 1.90
N HIS A 161 18.74 16.75 2.99
CA HIS A 161 18.27 17.36 4.23
C HIS A 161 19.10 16.80 5.38
N PRO A 162 19.15 17.51 6.52
CA PRO A 162 19.81 16.98 7.71
C PRO A 162 19.10 15.70 8.17
N SER A 163 19.82 14.77 8.78
CA SER A 163 19.17 13.56 9.30
C SER A 163 18.27 13.88 10.50
N LYS A 164 18.63 14.93 11.24
CA LYS A 164 17.83 15.39 12.37
C LYS A 164 16.96 16.59 11.98
N PRO A 165 15.70 16.61 12.45
CA PRO A 165 14.71 17.60 12.04
C PRO A 165 15.18 19.02 12.33
N GLU A 166 14.80 19.96 11.47
CA GLU A 166 15.11 21.36 11.72
C GLU A 166 14.27 21.89 12.88
N PRO A 167 14.93 22.44 13.91
CA PRO A 167 14.27 22.91 15.14
C PRO A 167 13.14 23.92 14.90
N SER A 168 13.22 24.68 13.82
CA SER A 168 12.18 25.65 13.50
C SER A 168 10.82 24.97 13.28
N GLY A 169 10.84 23.70 12.92
CA GLY A 169 9.61 22.97 12.64
C GLY A 169 9.00 23.34 11.30
N GLU A 170 9.76 24.06 10.50
CA GLU A 170 9.31 24.50 9.18
C GLU A 170 9.49 23.38 8.15
N CYS A 171 8.47 23.14 7.33
CA CYS A 171 8.60 22.18 6.23
C CYS A 171 9.22 22.84 5.01
N GLN A 172 10.32 22.27 4.53
CA GLN A 172 11.03 22.82 3.37
C GLN A 172 11.21 21.77 2.28
N PRO A 173 10.14 21.50 1.52
CA PRO A 173 10.18 20.47 0.48
C PRO A 173 11.04 20.93 -0.68
N ASP A 174 11.65 19.99 -1.39
CA ASP A 174 12.48 20.32 -2.53
C ASP A 174 11.63 20.77 -3.70
N LEU A 175 10.43 20.20 -3.81
CA LEU A 175 9.46 20.70 -4.76
C LEU A 175 8.06 20.71 -4.17
N ARG A 176 7.26 21.67 -4.62
CA ARG A 176 5.84 21.73 -4.30
CA ARG A 176 5.84 21.73 -4.30
C ARG A 176 5.04 21.53 -5.58
N LEU A 177 4.29 20.43 -5.64
CA LEU A 177 3.56 20.11 -6.86
C LEU A 177 2.10 20.54 -6.72
N ARG A 178 1.71 21.51 -7.55
CA ARG A 178 0.40 22.13 -7.39
C ARG A 178 -0.51 21.74 -8.55
N GLY A 179 -1.82 21.81 -8.29
CA GLY A 179 -2.81 21.40 -9.28
C GLY A 179 -4.08 20.89 -8.63
N HIS A 180 -3.97 20.29 -7.45
CA HIS A 180 -5.15 19.80 -6.73
C HIS A 180 -5.82 20.92 -5.93
N GLN A 181 -7.09 20.71 -5.59
CA GLN A 181 -7.79 21.62 -4.69
C GLN A 181 -7.94 21.00 -3.30
N LYS A 182 -7.78 19.68 -3.21
CA LYS A 182 -7.93 19.00 -1.93
C LYS A 182 -6.83 17.96 -1.69
N GLU A 183 -6.76 17.48 -0.45
CA GLU A 183 -5.84 16.41 -0.07
C GLU A 183 -6.24 15.11 -0.77
N GLY A 184 -5.38 14.11 -0.67
CA GLY A 184 -5.70 12.80 -1.23
C GLY A 184 -4.72 11.77 -0.73
N TYR A 185 -4.83 10.56 -1.27
CA TYR A 185 -3.97 9.46 -0.85
C TYR A 185 -3.14 8.86 -1.99
N GLY A 186 -3.74 8.70 -3.17
CA GLY A 186 -3.08 7.96 -4.24
C GLY A 186 -1.85 8.65 -4.80
N LEU A 187 -0.79 7.86 -5.02
CA LEU A 187 0.48 8.38 -5.51
C LEU A 187 1.21 7.31 -6.31
N SER A 188 1.70 7.64 -7.51
CA SER A 188 2.38 6.62 -8.33
C SER A 188 3.44 7.22 -9.25
N TRP A 189 4.66 6.69 -9.17
CA TRP A 189 5.76 7.08 -10.05
C TRP A 189 5.83 6.17 -11.27
N ASN A 190 6.09 6.75 -12.44
CA ASN A 190 6.24 5.96 -13.65
C ASN A 190 7.64 5.32 -13.69
N PRO A 191 7.70 3.98 -13.63
CA PRO A 191 9.01 3.32 -13.58
C PRO A 191 9.71 3.31 -14.94
N ASN A 192 9.06 3.82 -15.98
CA ASN A 192 9.65 3.84 -17.32
C ASN A 192 9.80 5.26 -17.87
N LEU A 193 9.32 6.24 -17.10
CA LEU A 193 9.50 7.64 -17.46
C LEU A 193 9.98 8.44 -16.26
N ASN A 194 11.25 8.81 -16.28
CA ASN A 194 11.86 9.48 -15.14
C ASN A 194 11.09 10.71 -14.67
N GLY A 195 10.68 10.70 -13.42
CA GLY A 195 10.04 11.85 -12.80
C GLY A 195 8.57 12.09 -13.09
N TYR A 196 7.93 11.15 -13.77
CA TYR A 196 6.50 11.26 -14.05
C TYR A 196 5.69 10.77 -12.87
N LEU A 197 5.02 11.69 -12.19
CA LEU A 197 4.30 11.37 -10.96
C LEU A 197 2.80 11.61 -11.11
N LEU A 198 2.00 10.61 -10.75
CA LEU A 198 0.54 10.75 -10.71
C LEU A 198 0.05 10.85 -9.27
N SER A 199 -1.01 11.63 -9.07
CA SER A 199 -1.57 11.82 -7.75
C SER A 199 -3.10 11.84 -7.81
N ALA A 200 -3.75 11.17 -6.87
CA ALA A 200 -5.21 11.13 -6.82
C ALA A 200 -5.71 11.97 -5.65
N SER A 201 -6.83 12.66 -5.82
CA SER A 201 -7.29 13.60 -4.80
C SER A 201 -8.79 13.53 -4.53
N ASP A 202 -9.17 13.95 -3.32
CA ASP A 202 -10.58 14.06 -2.95
C ASP A 202 -11.28 15.13 -3.79
N ASP A 203 -10.54 15.88 -4.59
CA ASP A 203 -11.14 16.88 -5.48
C ASP A 203 -11.70 16.29 -6.77
N HIS A 204 -11.64 14.95 -6.87
CA HIS A 204 -12.19 14.19 -8.01
C HIS A 204 -11.27 14.16 -9.22
N THR A 205 -10.03 14.63 -9.06
CA THR A 205 -9.11 14.70 -10.19
C THR A 205 -7.83 13.90 -9.95
N ILE A 206 -7.12 13.65 -11.04
CA ILE A 206 -5.79 13.04 -11.01
C ILE A 206 -4.82 14.06 -11.60
N CYS A 207 -3.75 14.37 -10.88
CA CYS A 207 -2.72 15.26 -11.42
C CYS A 207 -1.50 14.50 -11.89
N LEU A 208 -0.92 14.95 -13.00
CA LEU A 208 0.34 14.42 -13.48
C LEU A 208 1.38 15.53 -13.47
N TRP A 209 2.56 15.25 -12.94
CA TRP A 209 3.67 16.19 -13.05
C TRP A 209 4.88 15.47 -13.60
N ASP A 210 5.70 16.20 -14.34
CA ASP A 210 7.07 15.78 -14.60
C ASP A 210 7.91 16.64 -13.66
N ILE A 211 8.52 16.02 -12.65
CA ILE A 211 9.22 16.79 -11.64
C ILE A 211 10.55 17.31 -12.16
N ASN A 212 10.87 16.99 -13.40
CA ASN A 212 12.09 17.53 -14.02
C ASN A 212 11.84 18.88 -14.66
N ALA A 213 10.58 19.31 -14.67
CA ALA A 213 10.23 20.62 -15.20
C ALA A 213 10.85 21.71 -14.34
N THR A 214 11.21 22.83 -14.97
CA THR A 214 11.78 23.96 -14.26
C THR A 214 10.76 24.56 -13.30
N PRO A 215 11.10 24.62 -12.00
CA PRO A 215 10.18 25.14 -10.99
C PRO A 215 10.06 26.65 -11.07
N LYS A 216 8.91 27.20 -10.67
CA LYS A 216 8.79 28.64 -10.50
C LYS A 216 9.08 28.97 -9.03
N GLU A 217 8.67 30.15 -8.58
N GLU A 217 8.67 30.16 -8.59
CA GLU A 217 9.01 30.57 -7.22
CA GLU A 217 8.92 30.59 -7.22
C GLU A 217 8.33 29.70 -6.16
C GLU A 217 8.37 29.60 -6.20
N HIS A 218 8.99 29.55 -5.02
CA HIS A 218 8.56 28.64 -3.95
C HIS A 218 8.74 27.19 -4.37
N ARG A 219 9.56 26.98 -5.40
CA ARG A 219 9.89 25.64 -5.90
C ARG A 219 8.65 24.88 -6.37
N VAL A 220 7.73 25.62 -6.98
CA VAL A 220 6.47 25.06 -7.45
C VAL A 220 6.54 24.57 -8.89
N ILE A 221 5.98 23.37 -9.13
CA ILE A 221 5.68 22.93 -10.47
C ILE A 221 4.17 22.72 -10.59
N ASP A 222 3.57 23.31 -11.60
CA ASP A 222 2.14 23.13 -11.84
C ASP A 222 1.89 21.86 -12.63
N ALA A 223 0.71 21.27 -12.45
CA ALA A 223 0.39 20.00 -13.10
C ALA A 223 0.58 20.07 -14.61
N LYS A 224 1.25 19.05 -15.15
CA LYS A 224 1.40 18.89 -16.59
C LYS A 224 0.05 18.58 -17.22
N ASN A 225 -0.69 17.67 -16.58
CA ASN A 225 -2.04 17.34 -17.01
C ASN A 225 -2.93 17.08 -15.82
N ILE A 226 -4.23 17.27 -16.00
CA ILE A 226 -5.20 16.94 -14.96
C ILE A 226 -6.31 16.11 -15.59
N PHE A 227 -6.56 14.93 -15.04
CA PHE A 227 -7.55 14.02 -15.61
C PHE A 227 -8.84 14.06 -14.78
N THR A 228 -9.96 14.25 -15.45
CA THR A 228 -11.19 14.62 -14.76
C THR A 228 -12.35 13.64 -15.02
N GLY A 229 -12.02 12.42 -15.41
CA GLY A 229 -13.04 11.43 -15.71
C GLY A 229 -13.94 11.01 -14.55
N HIS A 230 -13.40 10.93 -13.34
CA HIS A 230 -14.17 10.46 -12.20
C HIS A 230 -15.15 11.52 -11.72
N THR A 231 -16.20 11.08 -11.03
CA THR A 231 -17.23 12.00 -10.54
C THR A 231 -17.26 12.06 -9.03
N ALA A 232 -16.22 11.53 -8.41
CA ALA A 232 -16.16 11.45 -6.95
C ALA A 232 -14.71 11.39 -6.51
N VAL A 233 -14.50 11.42 -5.21
CA VAL A 233 -13.16 11.29 -4.65
C VAL A 233 -12.35 10.21 -5.38
N VAL A 234 -11.18 10.58 -5.91
CA VAL A 234 -10.30 9.58 -6.50
C VAL A 234 -9.39 9.02 -5.40
N GLU A 235 -9.45 7.71 -5.21
CA GLU A 235 -8.77 7.10 -4.08
C GLU A 235 -7.34 6.66 -4.38
N ASP A 236 -7.11 6.17 -5.60
CA ASP A 236 -5.79 5.65 -5.92
C ASP A 236 -5.48 5.78 -7.40
N VAL A 237 -4.20 5.78 -7.73
N VAL A 237 -4.20 5.79 -7.71
CA VAL A 237 -3.77 5.81 -9.12
CA VAL A 237 -3.73 5.83 -9.09
C VAL A 237 -2.49 5.00 -9.22
C VAL A 237 -2.53 4.91 -9.18
N ALA A 238 -2.31 4.31 -10.34
CA ALA A 238 -1.13 3.46 -10.52
C ALA A 238 -0.73 3.39 -11.98
N TRP A 239 0.56 3.55 -12.25
CA TRP A 239 1.06 3.38 -13.62
C TRP A 239 1.12 1.90 -13.98
N HIS A 240 0.85 1.57 -15.24
CA HIS A 240 1.21 0.25 -15.74
C HIS A 240 2.73 0.14 -15.63
N LEU A 241 3.23 -1.07 -15.41
CA LEU A 241 4.64 -1.24 -15.10
C LEU A 241 5.52 -1.45 -16.33
N LEU A 242 4.90 -1.70 -17.47
CA LEU A 242 5.62 -1.94 -18.72
C LEU A 242 5.29 -0.92 -19.79
N HIS A 243 4.02 -0.53 -19.89
CA HIS A 243 3.58 0.44 -20.88
C HIS A 243 3.56 1.84 -20.31
N GLU A 244 4.55 2.64 -20.71
CA GLU A 244 4.81 3.94 -20.09
C GLU A 244 3.68 4.98 -20.23
N SER A 245 2.73 4.72 -21.12
CA SER A 245 1.66 5.68 -21.38
CA SER A 245 1.67 5.69 -21.36
C SER A 245 0.38 5.31 -20.66
N LEU A 246 0.34 4.12 -20.07
CA LEU A 246 -0.89 3.63 -19.46
C LEU A 246 -0.91 3.75 -17.95
N PHE A 247 -2.06 4.14 -17.41
CA PHE A 247 -2.26 4.11 -15.97
C PHE A 247 -3.72 3.84 -15.63
N GLY A 248 -3.96 3.43 -14.38
CA GLY A 248 -5.32 3.23 -13.93
C GLY A 248 -5.64 4.08 -12.71
N SER A 249 -6.91 4.37 -12.53
CA SER A 249 -7.35 5.09 -11.34
C SER A 249 -8.63 4.44 -10.81
N VAL A 250 -8.86 4.59 -9.52
CA VAL A 250 -10.08 4.06 -8.90
C VAL A 250 -10.68 5.12 -7.98
N ALA A 251 -12.00 5.11 -7.86
CA ALA A 251 -12.67 6.19 -7.14
C ALA A 251 -13.91 5.77 -6.36
N ASP A 252 -14.46 6.73 -5.62
CA ASP A 252 -15.66 6.51 -4.83
C ASP A 252 -16.89 6.33 -5.72
N ASP A 253 -16.73 6.62 -7.01
CA ASP A 253 -17.79 6.39 -8.00
C ASP A 253 -17.89 4.92 -8.40
N GLN A 254 -17.11 4.07 -7.73
CA GLN A 254 -17.17 2.62 -7.94
C GLN A 254 -16.52 2.18 -9.23
N LYS A 255 -15.79 3.09 -9.88
CA LYS A 255 -15.20 2.81 -11.19
C LYS A 255 -13.69 2.56 -11.12
N LEU A 256 -13.23 1.70 -12.02
CA LEU A 256 -11.82 1.65 -12.36
C LEU A 256 -11.74 2.29 -13.74
N MET A 257 -10.80 3.22 -13.93
CA MET A 257 -10.62 3.84 -15.24
C MET A 257 -9.21 3.58 -15.73
N ILE A 258 -9.08 3.26 -17.02
CA ILE A 258 -7.78 3.04 -17.64
C ILE A 258 -7.52 4.21 -18.57
N TRP A 259 -6.37 4.84 -18.41
CA TRP A 259 -6.04 6.06 -19.12
C TRP A 259 -4.81 5.85 -19.98
N ASP A 260 -4.73 6.58 -21.09
CA ASP A 260 -3.55 6.54 -21.96
C ASP A 260 -3.10 7.98 -22.17
N THR A 261 -1.87 8.30 -21.79
CA THR A 261 -1.43 9.70 -21.83
C THR A 261 -1.27 10.23 -23.27
N ARG A 262 -1.27 9.32 -24.23
CA ARG A 262 -1.15 9.69 -25.64
C ARG A 262 -2.46 10.27 -26.19
N ASN A 263 -3.53 10.16 -25.41
CA ASN A 263 -4.82 10.74 -25.79
C ASN A 263 -4.90 12.23 -25.46
N ASN A 264 -5.51 13.01 -26.34
CA ASN A 264 -5.61 14.45 -26.13
C ASN A 264 -6.67 14.83 -25.10
N ASN A 265 -7.71 14.02 -25.00
CA ASN A 265 -8.81 14.29 -24.06
C ASN A 265 -8.53 13.71 -22.68
N THR A 266 -8.42 14.57 -21.67
CA THR A 266 -8.16 14.13 -20.31
C THR A 266 -9.42 14.06 -19.47
N SER A 267 -10.58 14.16 -20.12
CA SER A 267 -11.85 14.11 -19.40
C SER A 267 -12.53 12.78 -19.60
N LYS A 268 -11.98 11.96 -20.50
CA LYS A 268 -12.59 10.68 -20.85
C LYS A 268 -11.51 9.61 -20.91
N PRO A 269 -11.60 8.60 -20.05
CA PRO A 269 -10.56 7.56 -20.07
C PRO A 269 -10.75 6.60 -21.25
N SER A 270 -9.73 5.80 -21.55
CA SER A 270 -9.85 4.79 -22.60
C SER A 270 -10.88 3.72 -22.25
N HIS A 271 -11.00 3.41 -20.96
CA HIS A 271 -11.96 2.41 -20.50
C HIS A 271 -12.50 2.81 -19.15
N THR A 272 -13.81 2.64 -18.97
CA THR A 272 -14.47 2.86 -17.68
C THR A 272 -15.09 1.53 -17.28
N VAL A 273 -14.71 1.05 -16.09
CA VAL A 273 -15.10 -0.28 -15.64
C VAL A 273 -15.97 -0.15 -14.40
N ASP A 274 -17.15 -0.77 -14.42
CA ASP A 274 -18.02 -0.82 -13.25
C ASP A 274 -17.45 -1.90 -12.35
N ALA A 275 -16.59 -1.50 -11.42
CA ALA A 275 -15.68 -2.45 -10.79
C ALA A 275 -16.24 -3.09 -9.53
N HIS A 276 -16.98 -2.34 -8.73
CA HIS A 276 -17.40 -2.78 -7.40
C HIS A 276 -18.77 -2.24 -7.03
N THR A 277 -19.33 -2.75 -5.94
CA THR A 277 -20.63 -2.29 -5.44
C THR A 277 -20.49 -1.24 -4.34
N ALA A 278 -19.28 -0.71 -4.18
CA ALA A 278 -19.01 0.41 -3.28
C ALA A 278 -17.70 1.09 -3.70
N GLU A 279 -17.22 2.00 -2.87
CA GLU A 279 -16.02 2.79 -3.19
C GLU A 279 -14.86 1.88 -3.55
N VAL A 280 -14.06 2.28 -4.53
CA VAL A 280 -12.83 1.55 -4.86
C VAL A 280 -11.66 2.35 -4.29
N ASN A 281 -10.88 1.73 -3.42
CA ASN A 281 -9.88 2.47 -2.64
C ASN A 281 -8.45 2.27 -3.10
N CYS A 282 -8.23 1.23 -3.89
CA CYS A 282 -6.86 0.89 -4.27
C CYS A 282 -6.79 0.06 -5.54
N LEU A 283 -5.65 0.14 -6.22
CA LEU A 283 -5.40 -0.75 -7.35
C LEU A 283 -3.92 -1.05 -7.44
N SER A 284 -3.59 -2.15 -8.07
CA SER A 284 -2.19 -2.55 -8.21
CA SER A 284 -2.20 -2.53 -8.23
C SER A 284 -2.02 -3.38 -9.47
N PHE A 285 -1.03 -3.02 -10.27
CA PHE A 285 -0.71 -3.78 -11.47
C PHE A 285 0.25 -4.93 -11.15
N ASN A 286 0.02 -6.08 -11.78
CA ASN A 286 0.87 -7.23 -11.56
C ASN A 286 2.20 -7.02 -12.30
N PRO A 287 3.32 -7.11 -11.58
CA PRO A 287 4.65 -6.84 -12.15
C PRO A 287 5.12 -7.94 -13.10
N TYR A 288 4.45 -9.09 -13.09
CA TYR A 288 4.86 -10.23 -13.89
C TYR A 288 3.81 -10.65 -14.93
N SER A 289 2.63 -10.07 -14.84
CA SER A 289 1.52 -10.42 -15.73
C SER A 289 0.98 -9.13 -16.29
N GLU A 290 1.36 -8.84 -17.53
CA GLU A 290 1.16 -7.51 -18.08
C GLU A 290 -0.31 -7.13 -18.33
N PHE A 291 -1.21 -8.10 -18.37
CA PHE A 291 -2.62 -7.77 -18.61
C PHE A 291 -3.44 -7.72 -17.33
N ILE A 292 -2.81 -8.04 -16.21
CA ILE A 292 -3.55 -8.30 -14.97
C ILE A 292 -3.36 -7.19 -13.94
N LEU A 293 -4.45 -6.78 -13.30
CA LEU A 293 -4.35 -5.86 -12.17
C LEU A 293 -5.41 -6.24 -11.14
N ALA A 294 -5.30 -5.66 -9.94
CA ALA A 294 -6.27 -5.93 -8.87
C ALA A 294 -6.80 -4.61 -8.33
N THR A 295 -8.05 -4.61 -7.88
CA THR A 295 -8.60 -3.45 -7.19
C THR A 295 -9.20 -3.91 -5.86
N GLY A 296 -9.16 -3.04 -4.85
CA GLY A 296 -9.73 -3.36 -3.55
C GLY A 296 -10.81 -2.36 -3.17
N SER A 297 -11.82 -2.81 -2.44
CA SER A 297 -13.03 -1.99 -2.30
C SER A 297 -13.67 -2.00 -0.93
N ALA A 298 -14.45 -0.95 -0.65
CA ALA A 298 -15.32 -0.92 0.52
C ALA A 298 -16.33 -2.07 0.51
N ASP A 299 -16.51 -2.73 -0.64
CA ASP A 299 -17.47 -3.84 -0.71
C ASP A 299 -16.88 -5.14 -0.13
N LYS A 300 -15.68 -5.03 0.42
CA LYS A 300 -14.98 -6.12 1.10
C LYS A 300 -14.31 -7.12 0.18
N THR A 301 -14.24 -6.79 -1.11
CA THR A 301 -13.63 -7.70 -2.09
C THR A 301 -12.43 -7.10 -2.77
N VAL A 302 -11.56 -7.98 -3.26
CA VAL A 302 -10.54 -7.62 -4.23
C VAL A 302 -10.99 -8.20 -5.55
N ALA A 303 -10.96 -7.39 -6.60
CA ALA A 303 -11.36 -7.84 -7.93
C ALA A 303 -10.12 -7.98 -8.79
N LEU A 304 -10.14 -8.99 -9.66
CA LEU A 304 -9.04 -9.23 -10.58
C LEU A 304 -9.53 -8.83 -11.96
N TRP A 305 -8.68 -8.13 -12.72
CA TRP A 305 -9.05 -7.57 -14.01
C TRP A 305 -8.04 -7.97 -15.07
N ASP A 306 -8.55 -8.20 -16.28
CA ASP A 306 -7.73 -8.47 -17.45
C ASP A 306 -7.93 -7.31 -18.42
N LEU A 307 -6.87 -6.55 -18.69
CA LEU A 307 -6.95 -5.38 -19.57
C LEU A 307 -7.47 -5.69 -20.98
N ARG A 308 -7.38 -6.95 -21.39
CA ARG A 308 -7.83 -7.34 -22.72
C ARG A 308 -9.35 -7.42 -22.81
N ASN A 309 -10.01 -7.54 -21.67
CA ASN A 309 -11.47 -7.58 -21.63
C ASN A 309 -12.01 -7.11 -20.29
N LEU A 310 -12.15 -5.80 -20.15
CA LEU A 310 -12.56 -5.22 -18.87
C LEU A 310 -14.08 -5.21 -18.70
N LYS A 311 -14.78 -5.78 -19.66
CA LYS A 311 -16.24 -5.88 -19.59
C LYS A 311 -16.63 -6.83 -18.47
N LEU A 312 -15.75 -7.78 -18.16
CA LEU A 312 -16.05 -8.80 -17.18
C LEU A 312 -14.91 -8.97 -16.17
N LYS A 313 -15.26 -8.86 -14.90
CA LYS A 313 -14.34 -9.13 -13.81
C LYS A 313 -13.79 -10.56 -13.93
N LEU A 314 -12.47 -10.72 -13.81
N LEU A 314 -12.47 -10.72 -13.84
CA LEU A 314 -11.85 -12.03 -13.93
CA LEU A 314 -11.87 -12.05 -13.92
C LEU A 314 -12.09 -12.92 -12.72
C LEU A 314 -12.23 -12.90 -12.72
N HIS A 315 -12.11 -12.31 -11.53
CA HIS A 315 -12.29 -13.04 -10.30
C HIS A 315 -12.61 -12.07 -9.18
N SER A 316 -13.29 -12.57 -8.15
CA SER A 316 -13.56 -11.79 -6.95
C SER A 316 -13.05 -12.54 -5.73
N PHE A 317 -12.08 -11.95 -5.04
CA PHE A 317 -11.49 -12.55 -3.85
C PHE A 317 -12.32 -12.14 -2.64
N GLU A 318 -12.98 -13.12 -2.02
CA GLU A 318 -13.88 -12.84 -0.91
C GLU A 318 -13.34 -13.46 0.37
N SER A 319 -13.45 -12.71 1.47
N SER A 319 -13.44 -12.71 1.46
CA SER A 319 -13.06 -13.18 2.79
CA SER A 319 -13.04 -13.17 2.79
C SER A 319 -12.96 -12.03 3.79
C SER A 319 -12.99 -12.02 3.78
N HIS A 320 -12.49 -10.87 3.33
CA HIS A 320 -12.39 -9.71 4.22
C HIS A 320 -13.74 -9.39 4.84
N LYS A 321 -13.72 -8.92 6.09
CA LYS A 321 -14.94 -8.66 6.83
C LYS A 321 -15.29 -7.17 6.82
N ASP A 322 -14.41 -6.33 6.26
CA ASP A 322 -14.66 -4.89 6.23
C ASP A 322 -13.93 -4.26 5.04
N GLU A 323 -13.96 -2.94 4.97
N GLU A 323 -13.99 -2.94 4.95
CA GLU A 323 -13.46 -2.22 3.80
CA GLU A 323 -13.44 -2.17 3.82
C GLU A 323 -11.96 -2.40 3.56
C GLU A 323 -11.97 -2.49 3.57
N ILE A 324 -11.62 -2.63 2.29
CA ILE A 324 -10.23 -2.83 1.90
C ILE A 324 -9.67 -1.52 1.39
N PHE A 325 -8.49 -1.15 1.89
CA PHE A 325 -7.87 0.12 1.53
C PHE A 325 -6.56 -0.01 0.78
N GLN A 326 -5.92 -1.17 0.85
CA GLN A 326 -4.64 -1.34 0.17
C GLN A 326 -4.53 -2.73 -0.44
N VAL A 327 -3.88 -2.79 -1.60
N VAL A 327 -3.90 -2.79 -1.61
CA VAL A 327 -3.66 -4.06 -2.28
CA VAL A 327 -3.63 -4.05 -2.28
C VAL A 327 -2.31 -3.96 -2.99
C VAL A 327 -2.27 -3.93 -2.92
N GLN A 328 -1.49 -4.99 -2.88
CA GLN A 328 -0.15 -4.98 -3.47
C GLN A 328 0.19 -6.39 -3.91
N TRP A 329 0.71 -6.50 -5.12
CA TRP A 329 1.25 -7.77 -5.59
C TRP A 329 2.61 -8.08 -4.97
N SER A 330 2.90 -9.36 -4.83
CA SER A 330 4.22 -9.77 -4.37
C SER A 330 5.28 -9.35 -5.38
N PRO A 331 6.44 -8.88 -4.90
CA PRO A 331 7.51 -8.54 -5.84
C PRO A 331 8.22 -9.78 -6.36
N HIS A 332 7.91 -10.96 -5.81
CA HIS A 332 8.66 -12.18 -6.15
C HIS A 332 7.85 -13.28 -6.83
N ASN A 333 6.54 -13.24 -6.67
CA ASN A 333 5.72 -14.36 -7.11
C ASN A 333 4.47 -13.84 -7.80
N GLU A 334 4.31 -14.15 -9.08
CA GLU A 334 3.26 -13.57 -9.90
C GLU A 334 1.83 -13.94 -9.48
N THR A 335 1.69 -14.98 -8.67
CA THR A 335 0.35 -15.40 -8.31
C THR A 335 -0.04 -14.89 -6.94
N ILE A 336 0.85 -14.17 -6.29
CA ILE A 336 0.66 -13.82 -4.88
C ILE A 336 0.32 -12.35 -4.71
N LEU A 337 -0.75 -12.06 -3.98
CA LEU A 337 -1.07 -10.67 -3.67
C LEU A 337 -1.64 -10.56 -2.26
N ALA A 338 -1.59 -9.35 -1.72
CA ALA A 338 -2.08 -9.12 -0.37
C ALA A 338 -3.00 -7.91 -0.31
N SER A 339 -3.88 -7.90 0.69
CA SER A 339 -4.83 -6.80 0.81
C SER A 339 -5.07 -6.50 2.28
N SER A 340 -5.44 -5.27 2.58
CA SER A 340 -5.59 -4.88 3.98
C SER A 340 -6.62 -3.77 4.12
N GLY A 341 -7.09 -3.55 5.35
CA GLY A 341 -7.98 -2.44 5.59
C GLY A 341 -8.57 -2.44 6.99
N THR A 342 -9.82 -2.04 7.07
CA THR A 342 -10.46 -1.78 8.36
C THR A 342 -10.63 -3.01 9.25
N ASP A 343 -10.67 -4.20 8.66
CA ASP A 343 -10.91 -5.40 9.47
C ASP A 343 -9.69 -5.87 10.25
N ARG A 344 -8.61 -5.10 10.12
CA ARG A 344 -7.39 -5.27 10.91
C ARG A 344 -6.54 -6.47 10.53
N ARG A 345 -6.97 -7.27 9.55
N ARG A 345 -7.01 -7.27 9.57
CA ARG A 345 -6.32 -8.55 9.30
CA ARG A 345 -6.34 -8.53 9.26
C ARG A 345 -5.93 -8.74 7.83
C ARG A 345 -5.96 -8.61 7.79
N LEU A 346 -4.66 -8.49 7.53
CA LEU A 346 -4.15 -8.53 6.17
C LEU A 346 -4.30 -9.93 5.60
N HIS A 347 -4.85 -10.03 4.39
CA HIS A 347 -5.04 -11.30 3.71
C HIS A 347 -4.00 -11.46 2.60
N VAL A 348 -3.45 -12.67 2.48
CA VAL A 348 -2.58 -13.01 1.36
C VAL A 348 -3.30 -14.04 0.51
N TRP A 349 -3.27 -13.83 -0.81
CA TRP A 349 -4.00 -14.66 -1.76
C TRP A 349 -3.03 -15.30 -2.72
N ASP A 350 -3.37 -16.50 -3.19
CA ASP A 350 -2.59 -17.18 -4.22
C ASP A 350 -3.54 -17.54 -5.35
N LEU A 351 -3.49 -16.79 -6.44
N LEU A 351 -3.46 -16.77 -6.43
CA LEU A 351 -4.49 -17.01 -7.48
CA LEU A 351 -4.35 -16.95 -7.59
C LEU A 351 -4.27 -18.31 -8.24
C LEU A 351 -4.31 -18.36 -8.14
N SER A 352 -3.16 -19.01 -7.98
CA SER A 352 -2.92 -20.30 -8.62
C SER A 352 -3.87 -21.35 -8.05
N LYS A 353 -4.50 -21.05 -6.92
CA LYS A 353 -5.38 -22.02 -6.29
C LYS A 353 -6.86 -21.74 -6.57
N ILE A 354 -7.13 -20.73 -7.38
CA ILE A 354 -8.52 -20.45 -7.75
C ILE A 354 -9.14 -21.69 -8.36
N GLY A 355 -10.33 -22.05 -7.88
CA GLY A 355 -11.06 -23.18 -8.43
C GLY A 355 -10.59 -24.54 -7.92
N GLU A 356 -9.55 -24.56 -7.10
CA GLU A 356 -9.05 -25.82 -6.58
C GLU A 356 -10.06 -26.43 -5.64
N GLU A 357 -10.05 -27.75 -5.56
CA GLU A 357 -10.92 -28.47 -4.66
C GLU A 357 -10.45 -28.32 -3.23
N GLN A 358 -11.40 -28.14 -2.32
CA GLN A 358 -11.10 -28.16 -0.89
C GLN A 358 -12.30 -28.77 -0.18
N SER A 359 -12.07 -29.27 1.02
CA SER A 359 -13.16 -29.79 1.84
C SER A 359 -14.18 -28.69 2.10
N THR A 360 -15.41 -29.07 2.40
CA THR A 360 -16.44 -28.10 2.70
C THR A 360 -16.14 -27.38 4.02
N GLU A 361 -15.42 -28.06 4.91
CA GLU A 361 -14.98 -27.47 6.17
C GLU A 361 -13.95 -26.37 5.92
N ASP A 362 -13.03 -26.63 5.01
CA ASP A 362 -12.06 -25.60 4.59
C ASP A 362 -12.78 -24.45 3.92
N ALA A 363 -13.81 -24.77 3.13
CA ALA A 363 -14.58 -23.75 2.44
C ALA A 363 -15.19 -22.77 3.44
N GLU A 364 -15.47 -23.25 4.64
CA GLU A 364 -16.04 -22.38 5.68
C GLU A 364 -15.05 -21.30 6.08
N ASP A 365 -13.76 -21.59 5.94
CA ASP A 365 -12.72 -20.63 6.31
C ASP A 365 -12.47 -19.62 5.20
N GLY A 366 -12.84 -19.98 3.99
CA GLY A 366 -12.65 -19.09 2.86
C GLY A 366 -12.39 -19.86 1.58
N PRO A 367 -12.28 -19.13 0.46
CA PRO A 367 -12.05 -19.75 -0.85
C PRO A 367 -10.66 -20.36 -0.90
N PRO A 368 -10.42 -21.26 -1.86
CA PRO A 368 -9.16 -22.02 -1.95
C PRO A 368 -7.95 -21.10 -2.12
N GLU A 369 -8.18 -19.96 -2.76
CA GLU A 369 -7.10 -19.02 -3.05
C GLU A 369 -6.69 -18.14 -1.86
N LEU A 370 -7.41 -18.24 -0.75
CA LEU A 370 -6.96 -17.58 0.47
C LEU A 370 -5.78 -18.36 1.05
N LEU A 371 -4.63 -17.70 1.15
CA LEU A 371 -3.41 -18.36 1.61
C LEU A 371 -3.13 -18.13 3.11
N PHE A 372 -3.40 -16.92 3.57
CA PHE A 372 -2.94 -16.52 4.90
C PHE A 372 -3.74 -15.35 5.37
N ILE A 373 -4.15 -15.37 6.64
CA ILE A 373 -4.66 -14.17 7.27
C ILE A 373 -3.70 -13.79 8.37
N HIS A 374 -3.19 -12.56 8.32
CA HIS A 374 -2.28 -12.08 9.33
C HIS A 374 -3.04 -11.51 10.52
N GLY A 375 -2.91 -12.15 11.67
CA GLY A 375 -3.67 -11.74 12.85
C GLY A 375 -2.94 -10.82 13.81
N GLY A 376 -1.81 -10.25 13.38
CA GLY A 376 -0.95 -9.52 14.28
C GLY A 376 -1.37 -8.12 14.69
N HIS A 377 -2.30 -7.51 13.96
CA HIS A 377 -2.75 -6.16 14.31
C HIS A 377 -4.11 -6.17 14.99
N THR A 378 -4.33 -5.22 15.90
CA THR A 378 -5.61 -5.10 16.57
C THR A 378 -6.25 -3.76 16.28
N ALA A 379 -5.77 -3.11 15.23
CA ALA A 379 -6.33 -1.86 14.77
C ALA A 379 -6.31 -1.82 13.24
N LYS A 380 -7.07 -0.92 12.65
CA LYS A 380 -7.10 -0.79 11.20
C LYS A 380 -5.70 -0.67 10.61
N ILE A 381 -5.45 -1.38 9.52
CA ILE A 381 -4.17 -1.30 8.85
C ILE A 381 -4.19 -0.13 7.88
N SER A 382 -3.18 0.73 7.98
CA SER A 382 -3.13 1.94 7.17
C SER A 382 -2.34 1.76 5.89
N ASP A 383 -1.33 0.90 5.92
CA ASP A 383 -0.54 0.63 4.73
C ASP A 383 0.33 -0.60 5.00
N PHE A 384 0.86 -1.19 3.93
CA PHE A 384 1.83 -2.27 4.08
C PHE A 384 2.70 -2.35 2.84
N SER A 385 3.84 -3.00 2.97
CA SER A 385 4.80 -3.07 1.87
C SER A 385 5.50 -4.42 1.88
N TRP A 386 5.57 -5.06 0.73
CA TRP A 386 6.35 -6.29 0.58
C TRP A 386 7.83 -5.95 0.47
N ASN A 387 8.67 -6.66 1.22
CA ASN A 387 10.11 -6.46 1.12
C ASN A 387 10.59 -6.94 -0.25
N PRO A 388 11.29 -6.07 -1.00
CA PRO A 388 11.65 -6.43 -2.37
C PRO A 388 12.90 -7.31 -2.44
N ASN A 389 13.59 -7.48 -1.32
CA ASN A 389 14.85 -8.23 -1.30
C ASN A 389 14.78 -9.57 -0.57
N GLU A 390 13.81 -9.71 0.33
CA GLU A 390 13.64 -10.95 1.07
C GLU A 390 12.22 -11.43 0.86
N PRO A 391 12.05 -12.50 0.08
CA PRO A 391 10.71 -12.97 -0.22
C PRO A 391 9.90 -13.27 1.04
N TRP A 392 8.62 -12.94 0.98
CA TRP A 392 7.63 -13.24 2.01
C TRP A 392 7.68 -12.36 3.26
N ILE A 393 8.55 -11.36 3.26
CA ILE A 393 8.56 -10.38 4.35
C ILE A 393 7.67 -9.19 4.01
N ILE A 394 6.82 -8.82 4.96
CA ILE A 394 5.94 -7.68 4.80
C ILE A 394 6.11 -6.77 6.02
N CYS A 395 6.06 -5.46 5.79
CA CYS A 395 5.90 -4.52 6.89
C CYS A 395 4.50 -3.95 6.81
N SER A 396 3.75 -4.01 7.90
CA SER A 396 2.42 -3.42 7.95
C SER A 396 2.31 -2.45 9.13
N VAL A 397 1.56 -1.37 8.95
CA VAL A 397 1.43 -0.35 9.99
C VAL A 397 -0.04 -0.11 10.26
N SER A 398 -0.39 0.10 11.52
CA SER A 398 -1.78 0.31 11.90
C SER A 398 -2.00 1.57 12.73
N GLU A 399 -3.28 1.91 12.93
CA GLU A 399 -3.66 3.21 13.47
C GLU A 399 -3.37 3.35 14.96
N ASP A 400 -2.94 2.27 15.59
CA ASP A 400 -2.63 2.28 17.01
C ASP A 400 -1.13 2.42 17.27
N ASN A 401 -0.39 2.81 16.23
CA ASN A 401 1.05 3.08 16.31
C ASN A 401 1.92 1.86 16.02
N ILE A 402 1.30 0.70 15.88
CA ILE A 402 2.08 -0.53 15.70
C ILE A 402 2.64 -0.63 14.29
N MET A 403 3.92 -0.96 14.21
CA MET A 403 4.49 -1.41 12.96
C MET A 403 4.97 -2.83 13.18
N GLN A 404 4.65 -3.73 12.25
CA GLN A 404 5.12 -5.10 12.37
C GLN A 404 5.85 -5.49 11.11
N VAL A 405 6.98 -6.15 11.27
CA VAL A 405 7.72 -6.74 10.16
C VAL A 405 7.63 -8.24 10.39
N TRP A 406 7.13 -8.97 9.40
CA TRP A 406 6.83 -10.38 9.61
C TRP A 406 7.02 -11.17 8.32
N GLN A 407 7.23 -12.46 8.50
CA GLN A 407 7.51 -13.35 7.38
C GLN A 407 6.78 -14.66 7.63
N MET A 408 5.87 -15.02 6.72
CA MET A 408 5.14 -16.26 6.93
C MET A 408 6.07 -17.43 6.72
N ALA A 409 5.80 -18.53 7.42
CA ALA A 409 6.62 -19.73 7.34
C ALA A 409 6.45 -20.44 6.01
N GLU A 410 7.51 -21.11 5.58
CA GLU A 410 7.51 -21.83 4.31
C GLU A 410 6.41 -22.87 4.25
N ASN A 411 6.09 -23.45 5.41
CA ASN A 411 5.06 -24.48 5.46
C ASN A 411 3.69 -23.98 5.03
N VAL A 412 3.51 -22.66 5.01
CA VAL A 412 2.25 -22.10 4.54
C VAL A 412 2.16 -22.07 3.01
N TYR A 413 3.21 -21.61 2.34
CA TYR A 413 3.16 -21.39 0.91
C TYR A 413 3.79 -22.49 0.07
N ASN A 414 4.48 -23.42 0.72
CA ASN A 414 5.10 -24.53 0.00
C ASN A 414 4.23 -25.78 0.02
N ASP A 415 4.00 -26.35 -1.17
CA ASP A 415 3.13 -27.52 -1.34
C ASP A 415 1.67 -27.14 -1.15
N THR B 5 0.89 -31.09 10.98
CA THR B 5 0.82 -31.47 9.57
C THR B 5 0.68 -30.25 8.66
N LYS B 6 1.21 -30.35 7.45
CA LYS B 6 1.12 -29.27 6.47
C LYS B 6 -0.32 -28.75 6.35
N PRO B 7 -1.29 -29.67 6.22
CA PRO B 7 -2.70 -29.26 6.14
C PRO B 7 -3.18 -28.52 7.39
N ALA B 8 -2.73 -28.96 8.56
CA ALA B 8 -3.13 -28.31 9.81
C ALA B 8 -2.62 -26.87 9.84
N ILE B 9 -1.42 -26.68 9.31
CA ILE B 9 -0.79 -25.37 9.27
C ILE B 9 -1.53 -24.44 8.32
N ARG B 10 -1.88 -24.96 7.16
CA ARG B 10 -2.58 -24.16 6.16
C ARG B 10 -3.95 -23.76 6.68
N ARG B 11 -4.57 -24.64 7.44
CA ARG B 11 -5.87 -24.34 8.07
C ARG B 11 -5.70 -23.23 9.10
N LEU B 12 -4.70 -23.38 9.96
CA LEU B 12 -4.42 -22.39 10.98
C LEU B 12 -4.08 -21.04 10.33
N ALA B 13 -3.31 -21.10 9.25
CA ALA B 13 -2.96 -19.91 8.47
C ALA B 13 -4.20 -19.19 7.96
N ARG B 14 -5.14 -19.96 7.41
CA ARG B 14 -6.33 -19.36 6.79
C ARG B 14 -7.30 -18.85 7.82
N ARG B 15 -7.14 -19.33 9.05
CA ARG B 15 -7.98 -18.91 10.17
C ARG B 15 -7.33 -17.78 10.95
N GLY B 16 -6.16 -17.33 10.49
CA GLY B 16 -5.51 -16.19 11.11
C GLY B 16 -4.84 -16.53 12.43
N GLY B 17 -4.48 -17.80 12.60
CA GLY B 17 -3.74 -18.23 13.76
C GLY B 17 -4.64 -18.50 14.96
N VAL B 18 -5.93 -18.63 14.71
CA VAL B 18 -6.89 -18.87 15.80
C VAL B 18 -7.49 -20.26 15.72
O1 PG4 C . -13.80 10.36 9.66
O1 PG4 C . -13.33 12.41 1.64
C1 PG4 C . -12.61 9.65 9.39
C1 PG4 C . -12.82 11.09 1.55
C2 PG4 C . -12.60 9.25 7.90
C2 PG4 C . -13.97 10.09 1.41
O2 PG4 C . -11.33 8.79 7.55
O2 PG4 C . -13.45 8.90 0.87
C3 PG4 C . -10.25 9.69 7.48
C3 PG4 C . -14.03 7.65 1.16
C4 PG4 C . -9.13 9.06 6.63
C4 PG4 C . -13.62 7.24 2.58
O3 PG4 C . -9.70 8.34 5.58
O3 PG4 C . -12.51 7.96 3.04
C5 PG4 C . -10.11 9.00 4.40
C5 PG4 C . -11.27 7.90 2.38
C6 PG4 C . -10.40 7.98 3.30
C6 PG4 C . -10.14 7.72 3.41
O4 PG4 C . -9.20 7.36 2.89
O4 PG4 C . -9.00 7.19 2.78
C7 PG4 C . -9.20 6.47 1.79
C7 PG4 C . -9.16 6.20 1.78
C8 PG4 C . -7.77 6.08 1.38
C8 PG4 C . -7.81 5.87 1.14
O5 PG4 C . -7.71 5.91 0.00
O5 PG4 C . -7.01 5.22 2.10
C1 PEG D . 15.11 17.17 -5.65
O1 PEG D . 16.12 18.02 -5.15
C2 PEG D . 14.48 17.80 -6.92
O2 PEG D . 13.96 16.78 -7.74
C3 PEG D . 14.80 16.13 -8.68
C4 PEG D . 14.49 16.67 -10.09
O4 PEG D . 15.10 17.91 -10.27
O1 PG4 E . -16.49 -14.93 -12.66
C1 PG4 E . -15.76 -13.73 -12.67
C2 PG4 E . -16.49 -12.64 -11.87
O2 PG4 E . -16.73 -13.10 -10.56
C3 PG4 E . -17.36 -12.24 -9.64
C4 PG4 E . -18.37 -13.04 -8.80
O3 PG4 E . -17.71 -13.74 -7.77
C5 PG4 E . -18.47 -14.60 -6.94
C6 PG4 E . -17.60 -15.22 -5.83
O4 PG4 E . -16.36 -15.69 -6.32
C7 PG4 E . -16.27 -16.42 -7.52
C8 PG4 E . -14.98 -16.00 -8.24
O5 PG4 E . -15.17 -14.77 -8.89
O1 PG4 F . -4.31 -4.78 -30.25
C1 PG4 F . -3.29 -5.63 -29.80
C2 PG4 F . -3.77 -6.46 -28.60
O2 PG4 F . -4.16 -5.61 -27.55
C3 PG4 F . -4.39 -6.14 -26.27
C4 PG4 F . -5.29 -5.19 -25.48
O3 PG4 F . -4.69 -4.82 -24.26
C5 PG4 F . -3.88 -3.66 -24.22
C6 PG4 F . -3.39 -3.42 -22.78
O4 PG4 F . -2.11 -3.96 -22.61
C7 PG4 F . -1.71 -4.42 -21.34
C8 PG4 F . -0.25 -4.88 -21.36
O5 PG4 F . 0.18 -5.11 -22.67
C1 PEG G . -9.26 -16.93 -12.45
O1 PEG G . -9.88 -17.50 -13.58
C2 PEG G . -8.10 -16.01 -12.88
O2 PEG G . -6.97 -16.77 -13.25
C3 PEG G . -5.80 -16.10 -13.69
C4 PEG G . -4.69 -17.13 -13.99
O4 PEG G . -4.90 -17.69 -15.26
#